data_5ETD
#
_entry.id   5ETD
#
_cell.length_a   60.320
_cell.length_b   60.320
_cell.length_c   62.920
_cell.angle_alpha   90.00
_cell.angle_beta   90.00
_cell.angle_gamma   120.00
#
_symmetry.space_group_name_H-M   'P 32 2 1'
#
loop_
_entity.id
_entity.type
_entity.pdbx_description
1 polymer Peregrin
2 non-polymer 1-(1~{H}-indol-3-yl)ethanone
3 non-polymer 'NITRATE ION'
4 water water
#
_entity_poly.entity_id   1
_entity_poly.type   'polypeptide(L)'
_entity_poly.pdbx_seq_one_letter_code
;SMEMQLTPFLILLRKTLEQLQEKDTGNIFSEPVPLSEVPDYLDHIKKPMDFFTMKQNLEAYRYLNFDDFEEDFNLIVSNC
LKYNAKDTIFYRAAVRLREQGGAVLRQARRQAEKMG
;
_entity_poly.pdbx_strand_id   A
#
loop_
_chem_comp.id
_chem_comp.type
_chem_comp.name
_chem_comp.formula
5RN non-polymer 1-(1~{H}-indol-3-yl)ethanone 'C10 H9 N O'
NO3 non-polymer 'NITRATE ION' 'N O3 -1'
#
# COMPACT_ATOMS: atom_id res chain seq x y z
N MET A 4 -5.91 8.88 -23.01
CA MET A 4 -5.79 9.11 -21.57
C MET A 4 -4.45 9.73 -21.22
N GLN A 5 -4.48 10.85 -20.52
CA GLN A 5 -3.30 11.65 -20.23
C GLN A 5 -2.62 11.19 -18.95
N LEU A 6 -1.28 11.27 -18.96
CA LEU A 6 -0.48 10.79 -17.85
C LEU A 6 -0.59 11.69 -16.62
N THR A 7 -0.45 13.00 -16.81
CA THR A 7 -0.39 13.91 -15.66
C THR A 7 -1.62 13.83 -14.76
N PRO A 8 -2.86 13.90 -15.26
CA PRO A 8 -4.00 13.79 -14.33
C PRO A 8 -4.04 12.45 -13.63
N PHE A 9 -3.59 11.39 -14.29
CA PHE A 9 -3.57 10.08 -13.64
C PHE A 9 -2.58 10.06 -12.48
N LEU A 10 -1.38 10.62 -12.66
CA LEU A 10 -0.42 10.66 -11.57
C LEU A 10 -0.90 11.54 -10.42
N ILE A 11 -1.54 12.67 -10.75
CA ILE A 11 -2.14 13.51 -9.70
C ILE A 11 -3.13 12.71 -8.88
N LEU A 12 -3.99 11.93 -9.56
CA LEU A 12 -4.93 11.08 -8.85
C LEU A 12 -4.22 10.06 -7.98
N LEU A 13 -3.16 9.42 -8.49
CA LEU A 13 -2.49 8.42 -7.67
C LEU A 13 -1.83 9.05 -6.45
N ARG A 14 -1.27 10.25 -6.60
CA ARG A 14 -0.67 10.93 -5.45
C ARG A 14 -1.72 11.20 -4.37
N LYS A 15 -2.87 11.72 -4.78
CA LYS A 15 -3.95 11.97 -3.81
C LYS A 15 -4.41 10.68 -3.16
N THR A 16 -4.54 9.62 -3.96
CA THR A 16 -4.99 8.34 -3.43
C THR A 16 -3.99 7.79 -2.43
N LEU A 17 -2.69 7.89 -2.75
CA LEU A 17 -1.68 7.41 -1.82
C LEU A 17 -1.74 8.17 -0.50
N GLU A 18 -1.93 9.49 -0.56
CA GLU A 18 -2.06 10.27 0.66
C GLU A 18 -3.28 9.83 1.47
N GLN A 19 -4.39 9.54 0.80
CA GLN A 19 -5.58 9.10 1.53
C GLN A 19 -5.37 7.73 2.17
N LEU A 20 -4.64 6.84 1.50
CA LEU A 20 -4.34 5.54 2.08
C LEU A 20 -3.43 5.68 3.28
N GLN A 21 -2.39 6.52 3.17
CA GLN A 21 -1.51 6.75 4.31
C GLN A 21 -2.26 7.32 5.51
N GLU A 22 -3.28 8.14 5.25
CA GLU A 22 -4.07 8.69 6.35
C GLU A 22 -4.79 7.58 7.12
N LYS A 23 -5.15 6.48 6.45
CA LYS A 23 -5.82 5.38 7.14
C LYS A 23 -4.86 4.62 8.04
N ASP A 24 -3.56 4.65 7.73
CA ASP A 24 -2.55 3.94 8.53
C ASP A 24 -2.12 4.90 9.64
N THR A 25 -2.96 4.98 10.68
CA THR A 25 -2.76 6.02 11.69
C THR A 25 -1.53 5.77 12.54
N GLY A 26 -1.14 4.51 12.71
CA GLY A 26 0.08 4.20 13.44
C GLY A 26 1.35 4.32 12.62
N ASN A 27 1.21 4.63 11.33
CA ASN A 27 2.35 4.72 10.41
C ASN A 27 3.17 3.43 10.35
N ILE A 28 2.54 2.27 10.59
CA ILE A 28 3.32 1.04 10.56
C ILE A 28 3.71 0.65 9.15
N PHE A 29 3.03 1.17 8.13
CA PHE A 29 3.31 0.86 6.73
C PHE A 29 4.01 2.00 6.01
N SER A 30 4.49 3.01 6.73
CA SER A 30 5.01 4.21 6.08
CA SER A 30 5.01 4.21 6.08
C SER A 30 6.38 3.97 5.45
N GLU A 31 7.17 3.07 6.00
CA GLU A 31 8.53 2.81 5.55
C GLU A 31 8.74 1.30 5.53
N PRO A 32 9.77 0.82 4.84
CA PRO A 32 10.01 -0.62 4.79
C PRO A 32 10.09 -1.22 6.18
N VAL A 33 9.56 -2.44 6.32
CA VAL A 33 9.76 -3.24 7.52
C VAL A 33 11.26 -3.25 7.80
N PRO A 34 11.69 -2.90 9.01
CA PRO A 34 13.14 -2.84 9.29
C PRO A 34 13.77 -4.22 9.35
N LEU A 35 14.43 -4.62 8.25
CA LEU A 35 14.97 -5.97 8.16
C LEU A 35 16.05 -6.25 9.19
N SER A 36 16.73 -5.22 9.70
CA SER A 36 17.67 -5.40 10.79
C SER A 36 16.99 -5.95 12.03
N GLU A 37 15.71 -5.59 12.24
CA GLU A 37 14.97 -6.07 13.41
C GLU A 37 14.30 -7.42 13.18
N VAL A 38 14.04 -7.80 11.94
CA VAL A 38 13.36 -9.06 11.65
C VAL A 38 14.15 -9.83 10.59
N PRO A 39 15.28 -10.45 10.94
CA PRO A 39 16.09 -11.15 9.94
C PRO A 39 15.39 -12.32 9.28
N ASP A 40 14.29 -12.82 9.84
CA ASP A 40 13.55 -13.90 9.22
C ASP A 40 12.45 -13.40 8.29
N TYR A 41 12.29 -12.07 8.15
CA TYR A 41 11.18 -11.52 7.37
C TYR A 41 11.20 -12.03 5.94
N LEU A 42 12.39 -12.02 5.31
CA LEU A 42 12.51 -12.45 3.92
C LEU A 42 12.43 -13.96 3.76
N ASP A 43 12.50 -14.73 4.86
CA ASP A 43 12.19 -16.15 4.79
C ASP A 43 10.72 -16.37 4.43
N HIS A 44 9.86 -15.44 4.83
CA HIS A 44 8.42 -15.56 4.65
C HIS A 44 7.87 -14.70 3.53
N ILE A 45 8.50 -13.55 3.26
CA ILE A 45 7.93 -12.51 2.40
C ILE A 45 8.82 -12.33 1.17
N LYS A 46 8.25 -12.57 0.00
CA LYS A 46 9.05 -12.55 -1.23
C LYS A 46 9.25 -11.13 -1.76
N LYS A 47 8.30 -10.23 -1.55
CA LYS A 47 8.43 -8.85 -2.05
C LYS A 47 7.90 -7.88 -1.00
N PRO A 48 8.79 -7.35 -0.14
CA PRO A 48 8.36 -6.32 0.81
C PRO A 48 7.79 -5.11 0.09
N MET A 49 6.91 -4.39 0.77
CA MET A 49 6.34 -3.17 0.22
C MET A 49 5.90 -2.25 1.35
N ASP A 50 5.88 -0.95 1.07
CA ASP A 50 5.52 0.07 2.05
C ASP A 50 5.16 1.34 1.29
N PHE A 51 4.61 2.32 2.01
CA PHE A 51 4.10 3.51 1.32
C PHE A 51 5.20 4.40 0.78
N PHE A 52 6.36 4.44 1.43
CA PHE A 52 7.46 5.24 0.91
C PHE A 52 7.94 4.67 -0.42
N THR A 53 8.11 3.34 -0.48
CA THR A 53 8.49 2.69 -1.74
C THR A 53 7.44 2.95 -2.81
N MET A 54 6.15 2.91 -2.45
CA MET A 54 5.12 3.21 -3.42
C MET A 54 5.26 4.63 -3.96
N LYS A 55 5.54 5.59 -3.09
CA LYS A 55 5.73 6.96 -3.55
C LYS A 55 6.90 7.05 -4.53
N GLN A 56 8.00 6.36 -4.24
CA GLN A 56 9.13 6.38 -5.16
C GLN A 56 8.76 5.74 -6.50
N ASN A 57 8.03 4.62 -6.46
CA ASN A 57 7.61 3.98 -7.70
C ASN A 57 6.68 4.90 -8.50
N LEU A 58 5.76 5.57 -7.82
CA LEU A 58 4.86 6.50 -8.48
C LEU A 58 5.64 7.57 -9.22
N GLU A 59 6.60 8.19 -8.53
CA GLU A 59 7.36 9.28 -9.14
C GLU A 59 8.33 8.80 -10.20
N ALA A 60 8.70 7.51 -10.18
CA ALA A 60 9.54 6.92 -11.22
C ALA A 60 8.72 6.44 -12.42
N TYR A 61 7.42 6.74 -12.43
CA TYR A 61 6.53 6.38 -13.55
C TYR A 61 6.39 4.87 -13.69
N ARG A 62 6.45 4.14 -12.57
CA ARG A 62 6.29 2.70 -12.62
C ARG A 62 4.83 2.27 -12.56
N TYR A 63 3.93 3.16 -12.18
CA TYR A 63 2.49 2.88 -12.10
C TYR A 63 1.81 3.63 -13.24
N LEU A 64 1.38 2.89 -14.25
CA LEU A 64 0.71 3.49 -15.41
C LEU A 64 -0.73 3.04 -15.56
N ASN A 65 -1.22 2.19 -14.67
CA ASN A 65 -2.63 1.85 -14.62
C ASN A 65 -2.97 1.61 -13.16
N PHE A 66 -4.26 1.56 -12.88
CA PHE A 66 -4.63 1.48 -11.48
C PHE A 66 -4.22 0.15 -10.86
N ASP A 67 -4.24 -0.93 -11.64
CA ASP A 67 -3.81 -2.24 -11.16
C ASP A 67 -2.36 -2.22 -10.66
N ASP A 68 -1.46 -1.52 -11.38
CA ASP A 68 -0.07 -1.44 -10.94
C ASP A 68 0.00 -0.91 -9.52
N PHE A 69 -0.78 0.13 -9.25
CA PHE A 69 -0.80 0.79 -7.95
C PHE A 69 -1.44 -0.09 -6.89
N GLU A 70 -2.63 -0.64 -7.21
CA GLU A 70 -3.36 -1.42 -6.22
C GLU A 70 -2.64 -2.71 -5.88
N GLU A 71 -1.89 -3.28 -6.82
CA GLU A 71 -1.12 -4.49 -6.54
C GLU A 71 -0.10 -4.26 -5.44
N ASP A 72 0.58 -3.11 -5.47
CA ASP A 72 1.56 -2.83 -4.41
C ASP A 72 0.87 -2.53 -3.09
N PHE A 73 -0.27 -1.83 -3.11
CA PHE A 73 -1.04 -1.69 -1.89
C PHE A 73 -1.42 -3.04 -1.32
N ASN A 74 -1.88 -3.96 -2.18
CA ASN A 74 -2.26 -5.28 -1.69
C ASN A 74 -1.08 -6.03 -1.09
N LEU A 75 0.12 -5.78 -1.59
CA LEU A 75 1.31 -6.40 -1.01
C LEU A 75 1.55 -5.89 0.40
N ILE A 76 1.40 -4.58 0.64
CA ILE A 76 1.51 -4.05 1.99
C ILE A 76 0.62 -4.83 2.93
N VAL A 77 -0.64 -5.00 2.54
CA VAL A 77 -1.62 -5.69 3.38
C VAL A 77 -1.26 -7.16 3.53
N SER A 78 -1.07 -7.86 2.41
CA SER A 78 -0.91 -9.31 2.47
CA SER A 78 -0.91 -9.31 2.47
C SER A 78 0.38 -9.71 3.17
N ASN A 79 1.47 -8.94 2.96
CA ASN A 79 2.71 -9.28 3.65
C ASN A 79 2.53 -9.21 5.15
N CYS A 80 1.79 -8.22 5.62
CA CYS A 80 1.58 -8.02 7.05
C CYS A 80 0.69 -9.11 7.64
N LEU A 81 -0.38 -9.49 6.94
CA LEU A 81 -1.19 -10.62 7.37
C LEU A 81 -0.36 -11.90 7.41
N LYS A 82 0.50 -12.10 6.42
CA LYS A 82 1.29 -13.32 6.36
C LYS A 82 2.30 -13.39 7.50
N TYR A 83 3.02 -12.30 7.74
CA TYR A 83 4.13 -12.36 8.68
C TYR A 83 3.68 -12.37 10.14
N ASN A 84 2.65 -11.60 10.49
CA ASN A 84 2.30 -11.36 11.87
C ASN A 84 1.16 -12.27 12.32
N ALA A 85 1.23 -12.67 13.59
CA ALA A 85 0.19 -13.54 14.14
C ALA A 85 -1.13 -12.80 14.23
N LYS A 86 -2.22 -13.57 14.16
CA LYS A 86 -3.55 -12.97 14.16
C LYS A 86 -3.82 -12.15 15.41
N ASP A 87 -3.21 -12.51 16.52
CA ASP A 87 -3.52 -11.83 17.77
C ASP A 87 -2.75 -10.53 17.97
N THR A 88 -2.12 -9.98 16.94
CA THR A 88 -1.30 -8.79 17.09
C THR A 88 -1.99 -7.54 16.56
N ILE A 89 -1.55 -6.40 17.08
CA ILE A 89 -1.98 -5.12 16.53
C ILE A 89 -1.60 -5.02 15.05
N PHE A 90 -0.40 -5.46 14.68
CA PHE A 90 0.05 -5.34 13.29
C PHE A 90 -0.91 -6.09 12.36
N TYR A 91 -1.27 -7.32 12.71
CA TYR A 91 -2.20 -8.06 11.87
C TYR A 91 -3.52 -7.33 11.73
N ARG A 92 -4.09 -6.87 12.84
N ARG A 92 -4.10 -6.89 12.85
CA ARG A 92 -5.38 -6.19 12.77
CA ARG A 92 -5.38 -6.18 12.77
C ARG A 92 -5.28 -4.85 12.06
C ARG A 92 -5.25 -4.88 11.99
N ALA A 93 -4.12 -4.20 12.09
CA ALA A 93 -3.92 -2.96 11.34
C ALA A 93 -3.96 -3.22 9.84
N ALA A 94 -3.45 -4.36 9.40
CA ALA A 94 -3.57 -4.70 7.98
C ALA A 94 -5.01 -4.99 7.60
N VAL A 95 -5.76 -5.67 8.46
CA VAL A 95 -7.18 -5.86 8.19
C VAL A 95 -7.88 -4.51 8.06
N ARG A 96 -7.61 -3.61 9.00
CA ARG A 96 -8.27 -2.31 8.97
C ARG A 96 -7.89 -1.53 7.73
N LEU A 97 -6.62 -1.60 7.34
CA LEU A 97 -6.18 -0.91 6.13
C LEU A 97 -6.82 -1.51 4.88
N ARG A 98 -6.94 -2.84 4.83
CA ARG A 98 -7.61 -3.47 3.71
C ARG A 98 -9.04 -2.95 3.58
N GLU A 99 -9.75 -2.88 4.71
CA GLU A 99 -11.16 -2.48 4.68
C GLU A 99 -11.29 -1.00 4.36
N GLN A 100 -10.62 -0.14 5.14
CA GLN A 100 -10.75 1.30 4.93
C GLN A 100 -10.07 1.73 3.63
N GLY A 101 -8.94 1.11 3.29
CA GLY A 101 -8.24 1.48 2.09
C GLY A 101 -8.91 0.98 0.83
N GLY A 102 -9.59 -0.16 0.90
CA GLY A 102 -10.35 -0.63 -0.25
C GLY A 102 -11.39 0.38 -0.70
N ALA A 103 -12.01 1.07 0.27
CA ALA A 103 -13.01 2.07 -0.07
C ALA A 103 -12.39 3.27 -0.80
N VAL A 104 -11.25 3.73 -0.31
CA VAL A 104 -10.49 4.78 -1.01
C VAL A 104 -10.15 4.34 -2.43
N LEU A 105 -9.77 3.08 -2.59
CA LEU A 105 -9.31 2.59 -3.88
C LEU A 105 -10.45 2.49 -4.88
N ARG A 106 -11.63 2.06 -4.42
CA ARG A 106 -12.75 1.93 -5.35
C ARG A 106 -13.16 3.28 -5.92
N GLN A 107 -13.22 4.31 -5.08
CA GLN A 107 -13.57 5.63 -5.59
C GLN A 107 -12.48 6.17 -6.50
N ALA A 108 -11.21 5.92 -6.18
CA ALA A 108 -10.13 6.44 -7.01
C ALA A 108 -10.09 5.74 -8.37
N ARG A 109 -10.28 4.43 -8.40
CA ARG A 109 -10.32 3.71 -9.67
C ARG A 109 -11.47 4.22 -10.54
N ARG A 110 -12.61 4.54 -9.92
CA ARG A 110 -13.72 5.12 -10.67
C ARG A 110 -13.31 6.46 -11.30
N GLN A 111 -12.58 7.29 -10.57
CA GLN A 111 -12.08 8.54 -11.16
C GLN A 111 -11.17 8.25 -12.35
N ALA A 112 -10.28 7.26 -12.21
CA ALA A 112 -9.39 6.92 -13.31
C ALA A 112 -10.17 6.45 -14.53
N GLU A 113 -11.24 5.68 -14.32
CA GLU A 113 -12.07 5.22 -15.42
C GLU A 113 -12.76 6.38 -16.14
N LYS A 114 -13.01 7.49 -15.44
CA LYS A 114 -13.58 8.68 -16.07
C LYS A 114 -12.58 9.40 -16.98
N MET A 115 -11.30 9.05 -16.90
CA MET A 115 -10.28 9.67 -17.72
C MET A 115 -10.18 8.98 -19.08
CAA 5RN B . 4.14 -3.92 8.78
CAI 5RN B . 4.98 -4.95 9.56
OAB 5RN B . 4.80 -6.16 9.40
CAJ 5RN B . 5.91 -4.43 10.37
CAL 5RN B . 6.75 -5.08 11.17
CAF 5RN B . 6.92 -6.38 11.44
CAD 5RN B . 7.88 -6.80 12.35
CAC 5RN B . 8.67 -5.84 12.97
CAE 5RN B . 8.46 -4.51 12.66
CAK 5RN B . 7.51 -4.16 11.79
NAH 5RN B . 7.13 -2.96 11.35
CAG 5RN B . 6.15 -3.11 10.47
N NO3 C . -8.37 -11.34 7.88
O1 NO3 C . -9.78 -10.93 7.31
O2 NO3 C . -7.30 -11.15 7.14
O3 NO3 C . -8.25 -11.96 9.06
#